data_2B8P
#
_entry.id   2B8P
#
_cell.length_a   99.425
_cell.length_b   99.425
_cell.length_c   99.425
_cell.angle_alpha   90.00
_cell.angle_beta   90.00
_cell.angle_gamma   90.00
#
_symmetry.space_group_name_H-M   'P 21 3'
#
loop_
_entity.id
_entity.type
_entity.pdbx_description
1 polymer 'Probable nucleoside diphosphate kinase'
2 non-polymer 'SULFATE ION'
3 water water
#
_entity_poly.entity_id   1
_entity_poly.type   'polypeptide(L)'
_entity_poly.pdbx_seq_one_letter_code
;SYYHHHHHHLESTSLYKKAGLQRTLVLIKPDAFERSLVAEIMGRIEKKNFKIVSMKFWSKAPRNLIEQHYKEHSEQSYFN
DNCDFMVSGPIISIVYEGTDAISKIRRLQGNILTPGTIRGDLANDIRENLIHASDSEDSAVDEISIWFPETKMETDN
;
_entity_poly.pdbx_strand_id   A,B
#
loop_
_chem_comp.id
_chem_comp.type
_chem_comp.name
_chem_comp.formula
SO4 non-polymer 'SULFATE ION' 'O4 S -2'
#
# COMPACT_ATOMS: atom_id res chain seq x y z
N TYR A 16 0.05 2.39 -17.42
CA TYR A 16 -0.37 1.48 -16.31
C TYR A 16 -1.38 0.49 -16.89
N LYS A 17 -0.85 -0.46 -17.66
CA LYS A 17 -1.63 -1.49 -18.37
C LYS A 17 -2.77 -2.15 -17.60
N LYS A 18 -2.44 -2.66 -16.42
CA LYS A 18 -3.40 -3.33 -15.54
C LYS A 18 -4.87 -3.04 -15.89
N ALA A 19 -5.22 -1.75 -15.91
CA ALA A 19 -6.57 -1.24 -16.21
C ALA A 19 -7.54 -2.22 -16.86
N GLY A 20 -8.82 -2.05 -16.55
CA GLY A 20 -9.82 -2.94 -17.11
C GLY A 20 -11.24 -2.45 -17.35
N LEU A 21 -12.17 -3.38 -17.26
CA LEU A 21 -13.60 -3.15 -17.49
C LEU A 21 -14.47 -3.35 -16.25
N GLN A 22 -13.84 -3.51 -15.08
CA GLN A 22 -14.60 -3.72 -13.86
C GLN A 22 -13.88 -3.13 -12.64
N ARG A 23 -14.67 -2.68 -11.68
CA ARG A 23 -14.14 -2.06 -10.47
C ARG A 23 -14.63 -2.80 -9.21
N THR A 24 -13.71 -3.20 -8.33
CA THR A 24 -14.10 -3.93 -7.11
C THR A 24 -13.46 -3.39 -5.83
N LEU A 25 -14.11 -3.65 -4.70
CA LEU A 25 -13.60 -3.18 -3.41
C LEU A 25 -12.96 -4.28 -2.57
N VAL A 26 -11.78 -3.97 -2.04
CA VAL A 26 -11.04 -4.89 -1.21
C VAL A 26 -10.71 -4.29 0.15
N LEU A 27 -10.84 -5.10 1.19
CA LEU A 27 -10.51 -4.65 2.52
C LEU A 27 -9.42 -5.54 3.09
N ILE A 28 -8.30 -4.92 3.48
CA ILE A 28 -7.23 -5.69 4.06
C ILE A 28 -7.41 -5.47 5.56
N LYS A 29 -7.84 -6.55 6.21
CA LYS A 29 -8.15 -6.61 7.62
C LYS A 29 -6.98 -6.54 8.61
N PRO A 30 -7.28 -6.13 9.86
CA PRO A 30 -6.34 -5.98 10.97
C PRO A 30 -5.42 -7.16 11.22
N ASP A 31 -5.96 -8.37 11.13
CA ASP A 31 -5.14 -9.54 11.34
C ASP A 31 -3.99 -9.55 10.35
N ALA A 32 -4.25 -9.13 9.12
CA ALA A 32 -3.19 -9.10 8.11
C ALA A 32 -2.02 -8.23 8.62
N PHE A 33 -2.35 -7.10 9.24
CA PHE A 33 -1.34 -6.22 9.80
C PHE A 33 -0.62 -6.87 10.97
N GLU A 34 -1.37 -7.52 11.85
CA GLU A 34 -0.74 -8.16 12.99
C GLU A 34 0.17 -9.32 12.58
N ARG A 35 -0.21 -10.04 11.52
CA ARG A 35 0.61 -11.16 11.05
C ARG A 35 1.58 -10.76 9.95
N SER A 36 1.65 -9.46 9.67
CA SER A 36 2.57 -8.94 8.66
C SER A 36 2.40 -9.58 7.29
N LEU A 37 1.14 -9.72 6.87
CA LEU A 37 0.82 -10.31 5.58
C LEU A 37 0.22 -9.31 4.61
N VAL A 38 0.23 -8.03 4.96
CA VAL A 38 -0.33 -7.02 4.08
C VAL A 38 0.27 -7.09 2.69
N ALA A 39 1.60 -7.06 2.60
CA ALA A 39 2.28 -7.13 1.30
C ALA A 39 1.99 -8.45 0.58
N GLU A 40 2.14 -9.56 1.30
CA GLU A 40 1.88 -10.88 0.76
C GLU A 40 0.54 -10.86 0.04
N ILE A 41 -0.48 -10.35 0.74
CA ILE A 41 -1.83 -10.26 0.18
C ILE A 41 -1.90 -9.36 -1.03
N MET A 42 -1.41 -8.12 -0.89
CA MET A 42 -1.44 -7.20 -2.01
C MET A 42 -0.62 -7.70 -3.19
N GLY A 43 0.43 -8.46 -2.89
CA GLY A 43 1.27 -8.99 -3.95
C GLY A 43 0.54 -9.92 -4.90
N ARG A 44 -0.28 -10.81 -4.35
CA ARG A 44 -1.02 -11.76 -5.18
C ARG A 44 -1.95 -11.07 -6.17
N ILE A 45 -2.57 -9.99 -5.74
CA ILE A 45 -3.46 -9.25 -6.61
C ILE A 45 -2.62 -8.51 -7.64
N GLU A 46 -1.54 -7.90 -7.19
CA GLU A 46 -0.69 -7.15 -8.10
C GLU A 46 -0.09 -8.07 -9.19
N LYS A 47 0.30 -9.29 -8.81
CA LYS A 47 0.88 -10.20 -9.79
C LYS A 47 -0.16 -10.68 -10.81
N LYS A 48 -1.43 -10.62 -10.44
CA LYS A 48 -2.50 -11.02 -11.34
C LYS A 48 -2.75 -9.84 -12.30
N ASN A 49 -1.96 -8.80 -12.11
CA ASN A 49 -1.96 -7.58 -12.91
C ASN A 49 -3.13 -6.61 -12.78
N PHE A 50 -3.71 -6.54 -11.59
CA PHE A 50 -4.80 -5.59 -11.36
C PHE A 50 -4.20 -4.29 -10.87
N LYS A 51 -4.75 -3.16 -11.31
CA LYS A 51 -4.24 -1.87 -10.88
C LYS A 51 -5.06 -1.22 -9.77
N ILE A 52 -4.40 -0.37 -9.00
CA ILE A 52 -5.03 0.35 -7.91
C ILE A 52 -5.60 1.66 -8.45
N VAL A 53 -6.87 1.91 -8.14
CA VAL A 53 -7.54 3.12 -8.56
C VAL A 53 -7.59 4.06 -7.36
N SER A 54 -8.12 3.53 -6.26
CA SER A 54 -8.23 4.31 -5.04
C SER A 54 -7.68 3.45 -3.90
N MET A 55 -7.16 4.10 -2.88
CA MET A 55 -6.62 3.38 -1.74
C MET A 55 -6.72 4.28 -0.53
N LYS A 56 -7.05 3.70 0.62
CA LYS A 56 -7.18 4.49 1.82
C LYS A 56 -6.80 3.65 3.04
N PHE A 57 -5.93 4.22 3.87
CA PHE A 57 -5.46 3.54 5.06
C PHE A 57 -6.16 4.13 6.27
N TRP A 58 -6.59 3.26 7.18
CA TRP A 58 -7.26 3.71 8.40
C TRP A 58 -6.57 3.09 9.60
N SER A 59 -6.07 3.92 10.50
CA SER A 59 -5.41 3.42 11.70
C SER A 59 -6.46 2.62 12.47
N LYS A 60 -7.71 2.94 12.21
CA LYS A 60 -8.86 2.28 12.83
C LYS A 60 -10.13 2.79 12.14
N ALA A 61 -10.52 2.12 11.07
CA ALA A 61 -11.71 2.51 10.32
C ALA A 61 -12.84 2.89 11.26
N PRO A 62 -13.66 3.85 10.85
CA PRO A 62 -14.79 4.32 11.66
C PRO A 62 -15.81 3.21 11.97
N ARG A 63 -16.30 3.18 13.21
CA ARG A 63 -17.30 2.21 13.63
C ARG A 63 -18.44 2.27 12.61
N ASN A 64 -18.77 3.49 12.24
CA ASN A 64 -19.82 3.78 11.27
C ASN A 64 -19.75 2.89 10.04
N LEU A 65 -18.71 3.11 9.24
CA LEU A 65 -18.48 2.36 8.00
C LEU A 65 -18.52 0.84 8.14
N ILE A 66 -17.95 0.32 9.23
CA ILE A 66 -17.94 -1.13 9.46
C ILE A 66 -19.39 -1.63 9.54
N GLU A 67 -20.23 -0.83 10.18
CA GLU A 67 -21.63 -1.16 10.34
C GLU A 67 -22.38 -1.16 9.01
N GLN A 68 -22.19 -0.12 8.21
CA GLN A 68 -22.87 -0.02 6.91
C GLN A 68 -22.44 -1.15 5.99
N HIS A 69 -21.14 -1.42 5.98
CA HIS A 69 -20.56 -2.47 5.14
C HIS A 69 -21.21 -3.83 5.39
N TYR A 70 -21.19 -4.27 6.65
CA TYR A 70 -21.78 -5.56 7.02
C TYR A 70 -23.23 -5.44 7.47
N LYS A 71 -23.82 -4.27 7.22
CA LYS A 71 -25.21 -4.00 7.59
C LYS A 71 -26.14 -5.10 7.10
N GLU A 72 -26.26 -6.16 7.89
CA GLU A 72 -27.13 -7.29 7.56
C GLU A 72 -27.54 -8.03 8.82
N TYR A 78 -24.24 -11.86 16.51
CA TYR A 78 -22.79 -11.70 16.59
C TYR A 78 -22.30 -10.64 15.63
N PHE A 79 -23.23 -9.84 15.11
CA PHE A 79 -22.84 -8.79 14.19
C PHE A 79 -21.84 -7.92 14.93
N ASN A 80 -22.21 -7.48 16.14
CA ASN A 80 -21.36 -6.63 16.95
C ASN A 80 -20.00 -7.23 17.30
N ASP A 81 -19.91 -8.56 17.36
CA ASP A 81 -18.64 -9.19 17.69
C ASP A 81 -17.65 -8.99 16.54
N ASN A 82 -18.09 -9.26 15.31
CA ASN A 82 -17.20 -9.09 14.16
C ASN A 82 -16.86 -7.62 13.96
N CYS A 83 -17.86 -6.76 14.14
CA CYS A 83 -17.66 -5.33 13.99
C CYS A 83 -16.51 -4.89 14.88
N ASP A 84 -16.42 -5.49 16.06
CA ASP A 84 -15.34 -5.16 17.00
C ASP A 84 -13.97 -5.52 16.42
N PHE A 85 -13.88 -6.67 15.76
CA PHE A 85 -12.61 -7.09 15.15
C PHE A 85 -12.20 -6.13 14.03
N MET A 86 -13.16 -5.79 13.17
CA MET A 86 -12.88 -4.90 12.05
C MET A 86 -12.52 -3.48 12.50
N VAL A 87 -12.74 -3.19 13.78
CA VAL A 87 -12.43 -1.86 14.32
C VAL A 87 -11.21 -1.87 15.24
N SER A 88 -10.81 -3.05 15.70
CA SER A 88 -9.67 -3.18 16.59
C SER A 88 -8.42 -2.59 15.95
N GLY A 89 -7.75 -3.37 15.10
CA GLY A 89 -6.55 -2.88 14.45
C GLY A 89 -6.86 -2.09 13.19
N PRO A 90 -5.83 -1.68 12.44
CA PRO A 90 -5.97 -0.91 11.20
C PRO A 90 -6.44 -1.71 10.00
N ILE A 91 -6.93 -0.98 8.99
CA ILE A 91 -7.39 -1.62 7.77
C ILE A 91 -7.03 -0.76 6.56
N ILE A 92 -7.03 -1.39 5.40
CA ILE A 92 -6.71 -0.71 4.16
C ILE A 92 -7.80 -1.06 3.18
N SER A 93 -8.47 -0.05 2.63
CA SER A 93 -9.50 -0.30 1.64
C SER A 93 -8.86 0.03 0.30
N ILE A 94 -9.11 -0.81 -0.68
CA ILE A 94 -8.52 -0.61 -2.00
C ILE A 94 -9.55 -0.84 -3.09
N VAL A 95 -9.46 -0.05 -4.16
CA VAL A 95 -10.37 -0.21 -5.28
C VAL A 95 -9.55 -0.75 -6.46
N TYR A 96 -9.78 -2.00 -6.83
CA TYR A 96 -9.05 -2.60 -7.94
C TYR A 96 -9.80 -2.52 -9.25
N GLU A 97 -9.04 -2.34 -10.33
CA GLU A 97 -9.59 -2.22 -11.67
C GLU A 97 -8.95 -3.20 -12.65
N GLY A 98 -9.80 -3.89 -13.40
CA GLY A 98 -9.31 -4.86 -14.36
C GLY A 98 -10.51 -5.53 -14.99
N THR A 99 -10.26 -6.38 -15.99
CA THR A 99 -11.34 -7.08 -16.66
C THR A 99 -11.89 -8.17 -15.74
N ASP A 100 -13.19 -8.12 -15.47
CA ASP A 100 -13.81 -9.13 -14.61
C ASP A 100 -13.16 -9.12 -13.22
N ALA A 101 -12.68 -7.95 -12.81
CA ALA A 101 -11.99 -7.78 -11.52
C ALA A 101 -12.74 -8.36 -10.33
N ILE A 102 -14.04 -8.06 -10.26
CA ILE A 102 -14.87 -8.53 -9.15
C ILE A 102 -14.77 -10.05 -8.95
N SER A 103 -15.10 -10.80 -10.00
CA SER A 103 -15.05 -12.25 -9.95
C SER A 103 -13.63 -12.78 -9.71
N LYS A 104 -12.70 -12.37 -10.57
CA LYS A 104 -11.31 -12.80 -10.47
C LYS A 104 -10.69 -12.61 -9.10
N ILE A 105 -10.86 -11.44 -8.50
CA ILE A 105 -10.27 -11.21 -7.18
C ILE A 105 -10.98 -12.04 -6.12
N ARG A 106 -12.29 -12.22 -6.29
CA ARG A 106 -13.07 -13.04 -5.37
C ARG A 106 -12.46 -14.45 -5.35
N ARG A 107 -12.11 -14.97 -6.52
CA ARG A 107 -11.50 -16.28 -6.62
C ARG A 107 -10.12 -16.31 -5.98
N LEU A 108 -9.42 -15.18 -6.04
CA LEU A 108 -8.09 -15.07 -5.43
C LEU A 108 -8.26 -15.12 -3.91
N GLN A 109 -9.32 -14.50 -3.42
CA GLN A 109 -9.59 -14.52 -1.99
C GLN A 109 -9.88 -15.96 -1.56
N GLY A 110 -10.73 -16.63 -2.35
CA GLY A 110 -11.09 -18.01 -2.06
C GLY A 110 -11.57 -18.21 -0.64
N ASN A 111 -11.27 -19.39 -0.09
CA ASN A 111 -11.69 -19.72 1.26
C ASN A 111 -10.66 -20.58 1.99
N ILE A 112 -10.94 -20.80 3.26
CA ILE A 112 -10.09 -21.58 4.16
C ILE A 112 -9.73 -23.00 3.73
N LEU A 113 -10.57 -23.60 2.89
CA LEU A 113 -10.34 -24.96 2.44
C LEU A 113 -9.64 -25.07 1.08
N THR A 114 -9.58 -23.97 0.34
CA THR A 114 -8.98 -23.99 -1.00
C THR A 114 -7.53 -23.53 -1.08
N PRO A 115 -6.58 -24.48 -1.12
CA PRO A 115 -5.18 -24.07 -1.21
C PRO A 115 -4.98 -23.31 -2.53
N GLY A 116 -3.95 -22.48 -2.60
CA GLY A 116 -3.72 -21.71 -3.80
C GLY A 116 -4.38 -20.34 -3.72
N THR A 117 -5.31 -20.17 -2.78
CA THR A 117 -5.98 -18.89 -2.61
C THR A 117 -5.46 -18.18 -1.37
N ILE A 118 -5.76 -16.89 -1.23
CA ILE A 118 -5.29 -16.14 -0.07
C ILE A 118 -5.75 -16.70 1.27
N ARG A 119 -7.04 -16.95 1.39
CA ARG A 119 -7.58 -17.49 2.62
C ARG A 119 -7.18 -18.95 2.72
N GLY A 120 -7.12 -19.61 1.57
CA GLY A 120 -6.75 -21.01 1.54
C GLY A 120 -5.34 -21.27 2.02
N ASP A 121 -4.42 -20.39 1.66
CA ASP A 121 -3.04 -20.57 2.07
C ASP A 121 -2.67 -19.90 3.39
N LEU A 122 -3.28 -18.77 3.67
CA LEU A 122 -2.90 -18.00 4.83
C LEU A 122 -3.84 -17.84 6.02
N ALA A 123 -5.09 -18.29 5.90
CA ALA A 123 -6.00 -18.12 7.03
C ALA A 123 -6.60 -19.41 7.54
N ASN A 124 -7.03 -19.38 8.79
CA ASN A 124 -7.66 -20.53 9.43
C ASN A 124 -8.71 -20.07 10.43
N ASP A 125 -9.58 -19.16 10.01
CA ASP A 125 -10.62 -18.66 10.88
C ASP A 125 -11.64 -17.96 9.98
N ILE A 126 -12.92 -18.17 10.27
CA ILE A 126 -13.98 -17.58 9.48
C ILE A 126 -14.24 -16.09 9.71
N ARG A 127 -13.74 -15.56 10.81
CA ARG A 127 -13.90 -14.13 11.08
C ARG A 127 -12.57 -13.47 10.72
N GLU A 128 -11.51 -13.93 11.37
CA GLU A 128 -10.17 -13.40 11.11
C GLU A 128 -9.59 -14.08 9.87
N ASN A 129 -10.07 -13.66 8.70
CA ASN A 129 -9.67 -14.22 7.41
C ASN A 129 -8.82 -13.33 6.49
N LEU A 130 -8.15 -12.34 7.06
CA LEU A 130 -7.22 -11.49 6.31
C LEU A 130 -7.69 -10.52 5.26
N ILE A 131 -8.67 -10.92 4.46
CA ILE A 131 -9.10 -10.04 3.39
C ILE A 131 -10.56 -10.16 2.99
N HIS A 132 -11.09 -9.07 2.43
CA HIS A 132 -12.44 -9.08 1.92
C HIS A 132 -12.43 -8.50 0.51
N ALA A 133 -13.21 -9.11 -0.36
CA ALA A 133 -13.35 -8.68 -1.75
C ALA A 133 -14.83 -8.73 -2.11
N SER A 134 -15.30 -7.71 -2.81
CA SER A 134 -16.71 -7.66 -3.23
C SER A 134 -17.08 -8.94 -3.97
N ASP A 135 -18.25 -9.48 -3.65
CA ASP A 135 -18.73 -10.72 -4.25
C ASP A 135 -19.58 -10.50 -5.49
N SER A 136 -20.06 -9.29 -5.71
CA SER A 136 -20.89 -9.03 -6.88
C SER A 136 -20.89 -7.56 -7.31
N GLU A 137 -21.34 -7.32 -8.54
CA GLU A 137 -21.40 -5.98 -9.10
C GLU A 137 -22.15 -5.05 -8.18
N ASP A 138 -23.26 -5.54 -7.63
CA ASP A 138 -24.07 -4.74 -6.73
C ASP A 138 -23.25 -4.42 -5.49
N SER A 139 -22.72 -5.46 -4.85
CA SER A 139 -21.91 -5.32 -3.64
C SER A 139 -20.78 -4.32 -3.90
N ALA A 140 -20.03 -4.56 -4.96
CA ALA A 140 -18.91 -3.69 -5.32
C ALA A 140 -19.29 -2.21 -5.36
N VAL A 141 -20.42 -1.91 -6.01
CA VAL A 141 -20.88 -0.53 -6.11
C VAL A 141 -21.17 0.09 -4.76
N ASP A 142 -21.91 -0.63 -3.92
CA ASP A 142 -22.23 -0.13 -2.60
C ASP A 142 -20.99 -0.03 -1.72
N GLU A 143 -20.17 -1.06 -1.77
CA GLU A 143 -18.95 -1.09 -0.99
C GLU A 143 -18.01 0.02 -1.39
N ILE A 144 -17.90 0.31 -2.68
CA ILE A 144 -17.03 1.40 -3.10
C ILE A 144 -17.59 2.72 -2.63
N SER A 145 -18.92 2.80 -2.54
CA SER A 145 -19.59 4.01 -2.09
C SER A 145 -19.35 4.27 -0.61
N ILE A 146 -19.37 3.20 0.18
CA ILE A 146 -19.16 3.34 1.61
C ILE A 146 -17.74 3.79 1.92
N TRP A 147 -16.75 3.22 1.26
CA TRP A 147 -15.38 3.59 1.53
C TRP A 147 -14.80 4.65 0.62
N PHE A 148 -15.44 4.88 -0.52
CA PHE A 148 -14.93 5.88 -1.45
C PHE A 148 -16.04 6.69 -2.10
N PRO A 149 -16.69 7.57 -1.33
CA PRO A 149 -17.79 8.39 -1.83
C PRO A 149 -17.35 9.50 -2.82
N GLY B 20 13.59 2.52 21.34
CA GLY B 20 13.48 3.93 20.83
C GLY B 20 12.79 4.04 19.49
N LEU B 21 11.47 4.28 19.51
CA LEU B 21 10.70 4.41 18.28
C LEU B 21 11.03 5.66 17.47
N GLN B 22 10.87 5.54 16.16
CA GLN B 22 11.08 6.64 15.25
C GLN B 22 10.05 6.47 14.16
N ARG B 23 9.85 7.55 13.42
CA ARG B 23 8.93 7.55 12.31
C ARG B 23 9.70 8.10 11.13
N THR B 24 9.59 7.42 9.99
CA THR B 24 10.29 7.91 8.82
C THR B 24 9.29 7.95 7.69
N LEU B 25 9.60 8.74 6.66
CA LEU B 25 8.72 8.84 5.51
C LEU B 25 9.28 8.01 4.36
N VAL B 26 8.40 7.29 3.68
CA VAL B 26 8.81 6.49 2.54
C VAL B 26 7.92 6.76 1.34
N LEU B 27 8.54 6.83 0.17
CA LEU B 27 7.80 7.04 -1.07
C LEU B 27 8.03 5.87 -2.01
N ILE B 28 6.95 5.34 -2.55
CA ILE B 28 7.02 4.25 -3.52
C ILE B 28 6.74 4.93 -4.84
N LYS B 29 7.80 5.06 -5.64
CA LYS B 29 7.77 5.74 -6.93
C LYS B 29 7.00 5.06 -8.05
N PRO B 30 6.57 5.83 -9.07
CA PRO B 30 5.82 5.36 -10.24
C PRO B 30 6.35 4.11 -10.93
N ASP B 31 7.68 3.95 -10.94
CA ASP B 31 8.26 2.79 -11.58
C ASP B 31 7.91 1.51 -10.85
N ALA B 32 7.75 1.58 -9.54
CA ALA B 32 7.38 0.40 -8.77
C ALA B 32 6.01 -0.07 -9.28
N PHE B 33 5.12 0.88 -9.58
CA PHE B 33 3.81 0.52 -10.09
C PHE B 33 3.89 -0.09 -11.50
N GLU B 34 4.66 0.54 -12.38
CA GLU B 34 4.83 0.06 -13.75
C GLU B 34 5.43 -1.35 -13.76
N ARG B 35 6.36 -1.60 -12.84
CA ARG B 35 7.02 -2.89 -12.77
C ARG B 35 6.36 -3.87 -11.81
N SER B 36 5.25 -3.48 -11.22
CA SER B 36 4.52 -4.35 -10.29
C SER B 36 5.35 -4.77 -9.06
N LEU B 37 6.12 -3.83 -8.53
CA LEU B 37 6.98 -4.14 -7.40
C LEU B 37 6.56 -3.47 -6.08
N VAL B 38 5.35 -2.92 -6.06
CA VAL B 38 4.84 -2.25 -4.87
C VAL B 38 4.80 -3.17 -3.65
N ALA B 39 4.11 -4.32 -3.78
CA ALA B 39 4.00 -5.25 -2.68
C ALA B 39 5.36 -5.78 -2.27
N GLU B 40 6.19 -6.11 -3.27
CA GLU B 40 7.52 -6.64 -3.02
C GLU B 40 8.39 -5.68 -2.19
N ILE B 41 8.22 -4.38 -2.42
CA ILE B 41 9.01 -3.39 -1.68
C ILE B 41 8.46 -3.19 -0.27
N MET B 42 7.16 -3.04 -0.16
CA MET B 42 6.54 -2.87 1.14
C MET B 42 6.76 -4.11 2.00
N GLY B 43 6.77 -5.27 1.35
CA GLY B 43 6.96 -6.52 2.08
C GLY B 43 8.28 -6.60 2.79
N ARG B 44 9.34 -6.16 2.11
CA ARG B 44 10.66 -6.18 2.70
C ARG B 44 10.73 -5.30 3.93
N ILE B 45 10.04 -4.16 3.89
CA ILE B 45 10.02 -3.27 5.03
C ILE B 45 9.19 -3.89 6.14
N GLU B 46 8.06 -4.46 5.76
CA GLU B 46 7.16 -5.11 6.70
C GLU B 46 7.85 -6.26 7.44
N LYS B 47 8.53 -7.12 6.68
CA LYS B 47 9.23 -8.27 7.24
C LYS B 47 10.37 -7.89 8.19
N LYS B 48 10.79 -6.64 8.11
CA LYS B 48 11.86 -6.12 8.95
C LYS B 48 11.23 -5.66 10.27
N ASN B 49 9.91 -5.84 10.32
CA ASN B 49 9.08 -5.52 11.47
C ASN B 49 8.70 -4.07 11.72
N PHE B 50 8.66 -3.26 10.67
CA PHE B 50 8.26 -1.86 10.81
C PHE B 50 6.77 -1.77 10.51
N LYS B 51 6.07 -0.94 11.27
CA LYS B 51 4.65 -0.78 11.09
C LYS B 51 4.23 0.48 10.36
N ILE B 52 3.12 0.38 9.63
CA ILE B 52 2.60 1.52 8.90
C ILE B 52 1.74 2.37 9.82
N VAL B 53 2.17 3.62 10.00
CA VAL B 53 1.47 4.58 10.85
C VAL B 53 0.47 5.40 10.03
N SER B 54 0.93 5.86 8.87
CA SER B 54 0.11 6.67 7.97
C SER B 54 0.38 6.25 6.52
N MET B 55 -0.64 6.40 5.68
CA MET B 55 -0.50 6.01 4.28
C MET B 55 -1.45 6.79 3.38
N LYS B 56 -0.91 7.26 2.25
CA LYS B 56 -1.69 8.02 1.30
C LYS B 56 -1.33 7.54 -0.11
N PHE B 57 -2.34 7.30 -0.94
CA PHE B 57 -2.12 6.85 -2.30
C PHE B 57 -2.36 8.02 -3.25
N TRP B 58 -1.38 8.29 -4.10
CA TRP B 58 -1.49 9.38 -5.07
C TRP B 58 -1.47 8.86 -6.50
N SER B 59 -2.62 8.93 -7.16
CA SER B 59 -2.74 8.48 -8.55
C SER B 59 -1.70 9.30 -9.34
N LYS B 60 -1.60 10.57 -8.97
CA LYS B 60 -0.63 11.46 -9.57
C LYS B 60 -0.36 12.56 -8.57
N ALA B 61 0.71 12.40 -7.80
CA ALA B 61 1.07 13.38 -6.79
C ALA B 61 1.16 14.78 -7.38
N PRO B 62 0.73 15.78 -6.61
CA PRO B 62 0.80 17.16 -7.11
C PRO B 62 2.25 17.62 -7.24
N ARG B 63 2.57 18.14 -8.41
CA ARG B 63 3.92 18.62 -8.72
C ARG B 63 4.52 19.54 -7.64
N ASN B 64 3.72 20.46 -7.12
CA ASN B 64 4.21 21.38 -6.10
C ASN B 64 4.67 20.62 -4.86
N LEU B 65 3.97 19.54 -4.55
CA LEU B 65 4.32 18.72 -3.41
C LEU B 65 5.66 18.02 -3.67
N ILE B 66 5.88 17.62 -4.92
CA ILE B 66 7.11 16.96 -5.35
C ILE B 66 8.30 17.92 -5.28
N GLU B 67 8.05 19.16 -5.68
CA GLU B 67 9.11 20.15 -5.68
C GLU B 67 9.54 20.62 -4.30
N GLN B 68 8.65 20.56 -3.30
CA GLN B 68 9.04 20.99 -1.95
C GLN B 68 9.92 19.89 -1.36
N HIS B 69 9.62 18.65 -1.75
CA HIS B 69 10.31 17.46 -1.27
C HIS B 69 11.73 17.37 -1.83
N TYR B 70 11.88 17.72 -3.11
CA TYR B 70 13.19 17.66 -3.74
C TYR B 70 13.83 19.05 -3.92
N LYS B 71 13.36 20.01 -3.12
CA LYS B 71 13.85 21.39 -3.19
C LYS B 71 15.34 21.60 -2.97
N GLU B 72 16.00 20.69 -2.28
CA GLU B 72 17.43 20.85 -2.06
C GLU B 72 18.21 20.53 -3.31
N HIS B 73 17.52 20.02 -4.34
CA HIS B 73 18.15 19.68 -5.61
C HIS B 73 17.71 20.64 -6.69
N SER B 74 16.98 21.66 -6.25
CA SER B 74 16.43 22.70 -7.10
C SER B 74 17.42 23.32 -8.11
N GLU B 75 18.71 23.33 -7.78
CA GLU B 75 19.73 23.91 -8.67
C GLU B 75 20.51 22.86 -9.47
N GLN B 76 20.05 21.62 -9.44
CA GLN B 76 20.75 20.56 -10.16
C GLN B 76 20.12 20.18 -11.48
N SER B 77 20.94 19.64 -12.37
CA SER B 77 20.53 19.26 -13.73
C SER B 77 19.29 18.40 -13.91
N TYR B 78 19.25 17.26 -13.23
CA TYR B 78 18.10 16.37 -13.38
C TYR B 78 16.89 16.70 -12.52
N PHE B 79 16.92 17.85 -11.85
CA PHE B 79 15.81 18.24 -11.01
C PHE B 79 14.44 18.19 -11.72
N ASN B 80 14.33 18.82 -12.89
CA ASN B 80 13.06 18.81 -13.62
C ASN B 80 12.65 17.42 -14.07
N ASP B 81 13.61 16.63 -14.55
CA ASP B 81 13.32 15.28 -15.02
C ASP B 81 12.84 14.39 -13.87
N ASN B 82 13.58 14.42 -12.77
CA ASN B 82 13.21 13.63 -11.61
C ASN B 82 11.79 14.05 -11.22
N CYS B 83 11.51 15.35 -11.33
CA CYS B 83 10.19 15.87 -11.02
C CYS B 83 9.16 15.33 -12.02
N ASP B 84 9.49 15.36 -13.31
CA ASP B 84 8.58 14.87 -14.34
C ASP B 84 8.25 13.41 -14.06
N PHE B 85 9.30 12.66 -13.74
CA PHE B 85 9.17 11.24 -13.45
C PHE B 85 8.27 10.97 -12.24
N MET B 86 8.49 11.70 -11.15
CA MET B 86 7.70 11.52 -9.94
C MET B 86 6.23 11.86 -10.12
N VAL B 87 5.88 12.44 -11.26
CA VAL B 87 4.52 12.84 -11.54
C VAL B 87 3.93 12.08 -12.73
N SER B 88 4.72 11.16 -13.27
CA SER B 88 4.30 10.37 -14.42
C SER B 88 3.52 9.10 -14.09
N GLY B 89 3.43 8.77 -12.81
CA GLY B 89 2.70 7.57 -12.43
C GLY B 89 2.23 7.68 -11.00
N PRO B 90 1.43 6.73 -10.51
CA PRO B 90 1.00 6.87 -9.12
C PRO B 90 2.17 6.81 -8.15
N ILE B 91 1.93 7.25 -6.92
CA ILE B 91 2.93 7.24 -5.86
C ILE B 91 2.22 6.90 -4.56
N ILE B 92 2.98 6.36 -3.60
CA ILE B 92 2.43 6.05 -2.30
C ILE B 92 3.38 6.65 -1.29
N SER B 93 2.83 7.34 -0.30
CA SER B 93 3.64 7.92 0.75
C SER B 93 3.24 7.22 2.03
N ILE B 94 4.22 6.69 2.74
CA ILE B 94 3.97 5.93 3.95
C ILE B 94 4.84 6.45 5.08
N VAL B 95 4.31 6.39 6.29
CA VAL B 95 5.06 6.80 7.48
C VAL B 95 5.23 5.53 8.28
N TYR B 96 6.44 4.98 8.29
CA TYR B 96 6.69 3.76 9.03
C TYR B 96 7.18 4.06 10.44
N GLU B 97 6.87 3.16 11.35
CA GLU B 97 7.28 3.32 12.73
C GLU B 97 7.98 2.07 13.25
N GLY B 98 9.11 2.30 13.93
CA GLY B 98 9.87 1.20 14.48
C GLY B 98 11.14 1.68 15.15
N THR B 99 11.83 0.77 15.81
CA THR B 99 13.08 1.08 16.49
C THR B 99 14.15 1.39 15.45
N ASP B 100 14.78 2.55 15.57
CA ASP B 100 15.83 2.97 14.62
C ASP B 100 15.27 2.96 13.21
N ALA B 101 13.96 3.14 13.08
CA ALA B 101 13.29 3.11 11.79
C ALA B 101 13.98 3.92 10.69
N ILE B 102 14.34 5.17 10.98
CA ILE B 102 14.98 6.03 9.99
C ILE B 102 16.25 5.42 9.39
N SER B 103 17.20 5.06 10.24
CA SER B 103 18.45 4.48 9.78
C SER B 103 18.25 3.08 9.19
N LYS B 104 17.47 2.25 9.87
CA LYS B 104 17.23 0.89 9.42
C LYS B 104 16.59 0.81 8.05
N ILE B 105 15.53 1.60 7.84
CA ILE B 105 14.86 1.56 6.56
C ILE B 105 15.70 2.19 5.45
N ARG B 106 16.47 3.22 5.78
CA ARG B 106 17.33 3.85 4.79
C ARG B 106 18.29 2.78 4.26
N ARG B 107 18.68 1.85 5.14
CA ARG B 107 19.56 0.75 4.77
C ARG B 107 18.85 -0.28 3.90
N LEU B 108 17.60 -0.58 4.20
CA LEU B 108 16.86 -1.53 3.38
C LEU B 108 16.82 -0.96 1.98
N GLN B 109 16.49 0.32 1.86
CA GLN B 109 16.45 0.99 0.57
C GLN B 109 17.80 0.79 -0.14
N GLY B 110 18.89 1.04 0.58
CA GLY B 110 20.22 0.88 0.00
C GLY B 110 20.46 1.64 -1.30
N ASN B 111 21.32 1.08 -2.14
CA ASN B 111 21.66 1.64 -3.45
C ASN B 111 21.73 0.51 -4.47
N ILE B 112 21.70 0.87 -5.75
CA ILE B 112 21.74 -0.13 -6.82
C ILE B 112 23.01 -0.96 -6.94
N LEU B 113 24.04 -0.60 -6.17
CA LEU B 113 25.28 -1.34 -6.21
C LEU B 113 25.42 -2.30 -5.03
N THR B 114 24.37 -2.41 -4.23
CA THR B 114 24.44 -3.27 -3.07
C THR B 114 23.31 -4.28 -3.00
N PRO B 115 23.52 -5.49 -3.55
CA PRO B 115 22.49 -6.53 -3.54
C PRO B 115 22.11 -6.86 -2.10
N GLY B 116 20.86 -7.23 -1.92
CA GLY B 116 20.38 -7.55 -0.60
C GLY B 116 19.46 -6.42 -0.18
N THR B 117 19.70 -5.23 -0.73
CA THR B 117 18.86 -4.09 -0.40
C THR B 117 17.80 -3.97 -1.47
N ILE B 118 16.84 -3.08 -1.26
CA ILE B 118 15.75 -2.88 -2.21
C ILE B 118 16.27 -2.38 -3.57
N ARG B 119 17.02 -1.30 -3.58
CA ARG B 119 17.55 -0.81 -4.84
C ARG B 119 18.58 -1.77 -5.42
N GLY B 120 19.30 -2.47 -4.54
CA GLY B 120 20.31 -3.41 -4.98
C GLY B 120 19.78 -4.62 -5.72
N ASP B 121 18.64 -5.15 -5.29
CA ASP B 121 18.05 -6.30 -5.94
C ASP B 121 17.02 -5.99 -7.03
N LEU B 122 16.44 -4.79 -6.99
CA LEU B 122 15.39 -4.47 -7.96
C LEU B 122 15.56 -3.27 -8.87
N ALA B 123 16.55 -2.42 -8.61
CA ALA B 123 16.72 -1.24 -9.43
C ALA B 123 18.00 -1.21 -10.26
N ASN B 124 17.98 -0.42 -11.33
CA ASN B 124 19.14 -0.30 -12.20
C ASN B 124 19.28 1.08 -12.84
N ASP B 125 18.72 2.09 -12.18
CA ASP B 125 18.78 3.47 -12.65
C ASP B 125 18.82 4.37 -11.42
N ILE B 126 19.60 5.45 -11.47
CA ILE B 126 19.68 6.33 -10.32
C ILE B 126 18.48 7.27 -10.23
N ARG B 127 17.63 7.26 -11.24
CA ARG B 127 16.44 8.11 -11.24
C ARG B 127 15.21 7.25 -10.92
N GLU B 128 15.02 6.19 -11.67
CA GLU B 128 13.91 5.28 -11.42
C GLU B 128 14.49 4.27 -10.43
N ASN B 129 14.52 4.67 -9.16
CA ASN B 129 15.08 3.82 -8.12
C ASN B 129 14.04 3.22 -7.18
N LEU B 130 12.82 3.10 -7.69
CA LEU B 130 11.71 2.49 -6.97
C LEU B 130 11.28 3.08 -5.63
N ILE B 131 12.25 3.50 -4.81
CA ILE B 131 11.90 3.98 -3.48
C ILE B 131 12.76 5.07 -2.86
N HIS B 132 12.12 5.88 -2.02
CA HIS B 132 12.81 6.92 -1.28
C HIS B 132 12.51 6.72 0.19
N ALA B 133 13.53 6.89 1.02
CA ALA B 133 13.34 6.76 2.45
C ALA B 133 14.09 7.93 3.04
N SER B 134 13.51 8.53 4.10
CA SER B 134 14.14 9.67 4.75
C SER B 134 15.56 9.29 5.14
N ASP B 135 16.50 10.23 4.99
CA ASP B 135 17.90 9.95 5.31
C ASP B 135 18.37 10.50 6.65
N SER B 136 17.50 11.19 7.36
CA SER B 136 17.88 11.75 8.66
C SER B 136 16.64 12.19 9.41
N GLU B 137 16.81 12.49 10.69
CA GLU B 137 15.70 12.91 11.54
C GLU B 137 15.06 14.19 11.01
N ASP B 138 15.89 15.19 10.73
CA ASP B 138 15.41 16.46 10.22
C ASP B 138 14.68 16.25 8.89
N SER B 139 15.30 15.47 8.03
CA SER B 139 14.77 15.16 6.72
C SER B 139 13.43 14.44 6.87
N ALA B 140 13.34 13.61 7.91
CA ALA B 140 12.12 12.85 8.17
C ALA B 140 10.99 13.74 8.65
N VAL B 141 11.28 14.63 9.61
CA VAL B 141 10.27 15.53 10.15
C VAL B 141 9.78 16.45 9.05
N ASP B 142 10.70 16.96 8.24
CA ASP B 142 10.34 17.84 7.15
C ASP B 142 9.54 17.07 6.08
N GLU B 143 10.05 15.92 5.68
CA GLU B 143 9.38 15.09 4.68
C GLU B 143 8.00 14.64 5.11
N ILE B 144 7.87 14.29 6.38
CA ILE B 144 6.59 13.86 6.93
C ILE B 144 5.57 15.02 6.97
N SER B 145 6.05 16.23 7.21
CA SER B 145 5.16 17.39 7.28
C SER B 145 4.68 17.74 5.88
N ILE B 146 5.48 17.38 4.88
CA ILE B 146 5.15 17.65 3.49
C ILE B 146 3.98 16.80 3.00
N TRP B 147 4.14 15.48 3.07
CA TRP B 147 3.10 14.54 2.61
C TRP B 147 1.99 14.29 3.60
N PHE B 148 2.26 14.54 4.87
CA PHE B 148 1.28 14.32 5.91
C PHE B 148 1.19 15.54 6.81
N PRO B 149 0.75 16.67 6.25
CA PRO B 149 0.63 17.91 7.03
C PRO B 149 -0.42 17.77 8.13
S SO4 C . -16.13 -11.12 4.47
O1 SO4 C . -15.23 -9.95 4.50
O2 SO4 C . -17.45 -10.72 5.01
O3 SO4 C . -16.28 -11.62 3.09
O4 SO4 C . -15.57 -12.20 5.32
S SO4 D . -14.20 -18.63 4.64
O1 SO4 D . -13.08 -18.08 5.43
O2 SO4 D . -15.47 -18.43 5.39
O3 SO4 D . -14.28 -17.93 3.34
O4 SO4 D . -13.99 -20.07 4.41
S SO4 E . 15.66 9.94 -3.33
O1 SO4 E . 16.29 11.22 -2.96
O2 SO4 E . 14.27 10.21 -3.76
O3 SO4 E . 16.39 9.32 -4.44
O4 SO4 E . 15.68 9.04 -2.17
S SO4 F . 19.41 15.09 -9.24
O1 SO4 F . 20.10 15.83 -10.33
O2 SO4 F . 18.46 16.00 -8.54
O3 SO4 F . 18.65 13.96 -9.81
O4 SO4 F . 20.43 14.59 -8.28
#